data_6FIQ
#
_entry.id   6FIQ
#
_cell.length_a   59.934
_cell.length_b   71.668
_cell.length_c   72.644
_cell.angle_alpha   90.000
_cell.angle_beta   90.000
_cell.angle_gamma   90.000
#
_symmetry.space_group_name_H-M   'P 21 21 21'
#
loop_
_entity.id
_entity.type
_entity.pdbx_description
1 polymer 'Epithelial discoidin domain-containing receptor 1'
2 non-polymer "1-(1~{H}-indazol-5-ylcarbonyl)-5'-methoxy-1'-[2-oxidanylidene-2-[(2~{S})-2-(trifluoromethyl)pyrrolidin-1-yl]ethyl]spiro[piperidine-4,3'-pyrrolo[3,2-b]pyridine]-2'-one"
3 non-polymer 'CHLORIDE ION'
4 water water
#
_entity_poly.entity_id   1
_entity_poly.type   'polypeptide(L)'
_entity_poly.pdbx_seq_one_letter_code
;PGAVGDGPPRVDFPRSRLRFKEKLGEGQFGEVHLCEVDSPQDLVSLDFPLNVRKGHPLLVAVKILRPDATKNARNDFLKE
VKIMSRLKDPNIIRLLGVCVQDDPLCMITDYMENGDLNQFLSAHQLEDKAAEGAPGDPTISYPMLLHVAAQIASGMRYLA
TLNFVHRDLATRNCLVGENFTIKIADFGMSRNLYAGDYYRVQGRAVLPIRWMAWECILMGKFTTASDVWAFGVTLWEVLM
LCRAQPFGQLTDEQVIENAGEFFRDQGRQVYLSRPPACPQGLYELMLRCWSRESEQRPPFSQLHRFLAEDALNTVHHHHH
H
;
_entity_poly.pdbx_strand_id   A
#
loop_
_chem_comp.id
_chem_comp.type
_chem_comp.name
_chem_comp.formula
CL non-polymer 'CHLORIDE ION' 'Cl -1'
DJW non-polymer 1-(1~{H}-indazol-5-ylcarbonyl)-5'-methoxy-1'-[2-oxidanylidene-2-[(2~{S})-2-(trifluoromethyl)pyrrolidin-1-yl]ethyl]spiro[piperidine-4,3'-pyrrolo[3,2-b]pyridine]-2'-one 'C27 H27 F3 N6 O4'
#
# COMPACT_ATOMS: atom_id res chain seq x y z
N PRO A 9 -6.34 -1.90 -29.65
CA PRO A 9 -5.26 -2.70 -29.04
C PRO A 9 -3.95 -1.94 -28.97
N ARG A 10 -3.50 -1.62 -27.75
CA ARG A 10 -2.29 -0.83 -27.57
C ARG A 10 -1.08 -1.54 -28.19
N VAL A 11 -0.13 -0.78 -28.71
CA VAL A 11 1.05 -1.38 -29.33
C VAL A 11 2.08 -1.69 -28.26
N ASP A 12 2.80 -2.80 -28.44
CA ASP A 12 3.83 -3.22 -27.50
C ASP A 12 4.96 -2.21 -27.40
N PHE A 13 5.46 -2.04 -26.18
CA PHE A 13 6.73 -1.35 -25.99
C PHE A 13 7.80 -2.16 -26.74
N PRO A 14 8.81 -1.47 -27.31
CA PRO A 14 9.93 -2.14 -27.98
C PRO A 14 10.93 -2.79 -27.01
N ARG A 15 10.82 -4.10 -26.84
CA ARG A 15 11.54 -4.84 -25.82
C ARG A 15 13.06 -4.66 -25.92
N SER A 16 13.55 -4.47 -27.14
CA SER A 16 14.99 -4.37 -27.38
C SER A 16 15.61 -3.16 -26.69
N ARG A 17 14.78 -2.17 -26.35
CA ARG A 17 15.26 -0.95 -25.74
C ARG A 17 15.53 -1.06 -24.24
N LEU A 18 15.15 -2.19 -23.64
CA LEU A 18 15.39 -2.41 -22.21
C LEU A 18 16.79 -2.96 -21.94
N ARG A 19 17.47 -2.37 -20.96
CA ARG A 19 18.72 -2.92 -20.47
C ARG A 19 18.54 -3.33 -19.02
N PHE A 20 18.54 -4.63 -18.75
CA PHE A 20 18.31 -5.13 -17.39
C PHE A 20 19.48 -4.84 -16.46
N LYS A 21 19.17 -4.35 -15.25
CA LYS A 21 20.23 -3.81 -14.38
C LYS A 21 20.32 -4.47 -12.99
N GLU A 22 19.18 -4.63 -12.32
CA GLU A 22 19.13 -5.19 -10.97
C GLU A 22 17.75 -5.84 -10.73
N LYS A 23 17.70 -6.84 -9.86
CA LYS A 23 16.43 -7.47 -9.49
C LYS A 23 15.82 -6.70 -8.30
N LEU A 24 14.59 -6.24 -8.44
CA LEU A 24 13.95 -5.43 -7.39
C LEU A 24 12.99 -6.23 -6.52
N GLY A 25 12.52 -7.38 -7.03
CA GLY A 25 11.56 -8.17 -6.30
C GLY A 25 11.09 -9.43 -7.00
N GLU A 26 10.43 -10.29 -6.24
CA GLU A 26 9.92 -11.53 -6.77
C GLU A 26 8.56 -11.76 -6.14
N GLY A 27 7.57 -12.11 -6.96
CA GLY A 27 6.23 -12.29 -6.48
C GLY A 27 5.74 -13.70 -6.78
N GLN A 28 4.42 -13.89 -6.74
CA GLN A 28 3.91 -15.24 -6.92
C GLN A 28 4.07 -15.74 -8.36
N PHE A 29 3.87 -14.88 -9.34
CA PHE A 29 4.02 -15.33 -10.74
C PHE A 29 5.01 -14.52 -11.57
N GLY A 30 5.50 -13.41 -11.03
CA GLY A 30 6.44 -12.58 -11.75
C GLY A 30 7.61 -12.13 -10.91
N GLU A 31 8.60 -11.54 -11.56
CA GLU A 31 9.73 -10.94 -10.85
C GLU A 31 10.02 -9.62 -11.49
N VAL A 32 10.57 -8.70 -10.71
CA VAL A 32 10.66 -7.31 -11.11
C VAL A 32 12.12 -6.90 -11.17
N HIS A 33 12.52 -6.37 -12.33
CA HIS A 33 13.88 -5.86 -12.54
C HIS A 33 13.90 -4.36 -12.80
N LEU A 34 14.92 -3.70 -12.28
CA LEU A 34 15.24 -2.34 -12.68
C LEU A 34 15.86 -2.41 -14.06
N CYS A 35 15.41 -1.56 -14.98
CA CYS A 35 15.93 -1.53 -16.34
C CYS A 35 16.27 -0.11 -16.77
N GLU A 36 17.27 0.02 -17.63
CA GLU A 36 17.55 1.29 -18.29
C GLU A 36 16.90 1.27 -19.66
N VAL A 37 16.28 2.37 -20.06
CA VAL A 37 15.73 2.44 -21.42
C VAL A 37 16.75 3.14 -22.31
N ASP A 38 17.27 2.38 -23.28
CA ASP A 38 18.30 2.85 -24.20
C ASP A 38 17.79 4.03 -25.02
N SER A 39 18.19 5.24 -24.63
CA SER A 39 17.80 6.48 -25.29
C SER A 39 16.29 6.61 -25.51
N PRO A 40 15.62 7.38 -24.63
CA PRO A 40 14.16 7.45 -24.60
C PRO A 40 13.55 8.43 -25.60
N GLN A 41 13.12 7.92 -26.75
CA GLN A 41 12.43 8.73 -27.76
C GLN A 41 11.00 8.19 -27.96
N ASP A 42 10.16 8.40 -26.94
CA ASP A 42 8.84 7.77 -26.85
C ASP A 42 8.95 6.25 -26.90
N PRO A 57 19.62 9.18 -18.21
CA PRO A 57 19.38 7.74 -18.03
C PRO A 57 17.97 7.44 -17.51
N LEU A 58 17.09 6.88 -18.34
CA LEU A 58 15.72 6.59 -17.92
C LEU A 58 15.60 5.23 -17.24
N LEU A 59 15.20 5.23 -15.98
CA LEU A 59 15.05 4.00 -15.22
C LEU A 59 13.57 3.59 -15.12
N VAL A 60 13.27 2.33 -15.41
CA VAL A 60 11.92 1.79 -15.24
C VAL A 60 11.95 0.47 -14.49
N ALA A 61 10.81 0.08 -13.93
CA ALA A 61 10.67 -1.23 -13.31
C ALA A 61 9.93 -2.17 -14.26
N VAL A 62 10.46 -3.37 -14.45
CA VAL A 62 9.87 -4.27 -15.45
C VAL A 62 9.53 -5.63 -14.85
N LYS A 63 8.26 -5.99 -14.88
CA LYS A 63 7.84 -7.28 -14.36
C LYS A 63 7.78 -8.29 -15.51
N ILE A 64 8.44 -9.44 -15.31
CA ILE A 64 8.50 -10.53 -16.29
C ILE A 64 8.11 -11.82 -15.58
N LEU A 65 7.85 -12.89 -16.32
CA LEU A 65 7.59 -14.19 -15.69
C LEU A 65 8.79 -14.69 -14.90
N ARG A 66 8.51 -15.34 -13.76
CA ARG A 66 9.57 -16.04 -13.02
C ARG A 66 10.18 -17.13 -13.90
N PRO A 67 11.46 -17.48 -13.67
CA PRO A 67 12.07 -18.56 -14.48
C PRO A 67 11.35 -19.92 -14.32
N ASP A 68 10.66 -20.13 -13.21
CA ASP A 68 9.93 -21.38 -13.00
C ASP A 68 8.48 -21.31 -13.48
N ALA A 69 8.17 -20.30 -14.30
CA ALA A 69 6.79 -20.09 -14.75
C ALA A 69 6.22 -21.31 -15.47
N THR A 70 4.99 -21.65 -15.10
CA THR A 70 4.20 -22.68 -15.77
C THR A 70 3.04 -22.03 -16.51
N LYS A 71 2.17 -22.85 -17.10
CA LYS A 71 0.96 -22.35 -17.74
C LYS A 71 0.14 -21.50 -16.77
N ASN A 72 0.12 -21.92 -15.51
CA ASN A 72 -0.64 -21.23 -14.48
C ASN A 72 -0.10 -19.83 -14.24
N ALA A 73 1.22 -19.68 -14.20
CA ALA A 73 1.85 -18.37 -14.01
C ALA A 73 1.56 -17.41 -15.19
N ARG A 74 1.68 -17.90 -16.42
CA ARG A 74 1.41 -17.09 -17.60
C ARG A 74 -0.04 -16.61 -17.64
N ASN A 75 -0.97 -17.49 -17.28
CA ASN A 75 -2.37 -17.10 -17.18
C ASN A 75 -2.55 -15.99 -16.14
N ASP A 76 -1.95 -16.17 -14.97
CA ASP A 76 -2.03 -15.14 -13.95
C ASP A 76 -1.40 -13.82 -14.42
N PHE A 77 -0.30 -13.90 -15.15
CA PHE A 77 0.36 -12.70 -15.67
C PHE A 77 -0.54 -11.97 -16.69
N LEU A 78 -1.18 -12.72 -17.60
CA LEU A 78 -2.01 -12.07 -18.61
C LEU A 78 -3.25 -11.44 -17.99
N LYS A 79 -3.78 -12.05 -16.93
CA LYS A 79 -4.89 -11.45 -16.20
C LYS A 79 -4.48 -10.16 -15.53
N GLU A 80 -3.25 -10.09 -15.03
CA GLU A 80 -2.83 -8.89 -14.33
C GLU A 80 -2.68 -7.74 -15.29
N VAL A 81 -2.23 -8.03 -16.52
CA VAL A 81 -2.15 -7.01 -17.55
C VAL A 81 -3.54 -6.37 -17.70
N LYS A 82 -4.58 -7.19 -17.76
CA LYS A 82 -5.94 -6.68 -17.91
C LYS A 82 -6.36 -5.78 -16.74
N ILE A 83 -6.07 -6.22 -15.52
CA ILE A 83 -6.39 -5.46 -14.34
C ILE A 83 -5.65 -4.13 -14.34
N MET A 84 -4.35 -4.17 -14.59
CA MET A 84 -3.53 -2.97 -14.56
C MET A 84 -3.92 -1.96 -15.65
N SER A 85 -4.44 -2.46 -16.76
CA SER A 85 -4.92 -1.58 -17.83
C SER A 85 -6.04 -0.65 -17.35
N ARG A 86 -6.71 -1.02 -16.26
CA ARG A 86 -7.82 -0.21 -15.73
C ARG A 86 -7.34 1.03 -14.97
N LEU A 87 -6.08 1.01 -14.53
CA LEU A 87 -5.62 1.95 -13.51
C LEU A 87 -4.79 3.12 -14.03
N LYS A 88 -5.34 4.32 -13.87
CA LYS A 88 -4.74 5.55 -14.37
C LYS A 88 -4.96 6.69 -13.36
N ASP A 89 -4.04 6.79 -12.39
CA ASP A 89 -4.13 7.78 -11.33
C ASP A 89 -2.70 8.03 -10.86
N PRO A 90 -2.38 9.27 -10.47
CA PRO A 90 -1.00 9.57 -10.06
C PRO A 90 -0.55 8.83 -8.81
N ASN A 91 -1.48 8.34 -7.99
CA ASN A 91 -1.10 7.70 -6.74
C ASN A 91 -1.38 6.20 -6.75
N ILE A 92 -1.58 5.65 -7.94
CA ILE A 92 -1.64 4.22 -8.16
C ILE A 92 -0.56 3.81 -9.18
N ILE A 93 0.02 2.62 -9.02
CA ILE A 93 0.92 2.06 -10.05
C ILE A 93 0.26 2.13 -11.43
N ARG A 94 1.00 2.61 -12.43
CA ARG A 94 0.49 2.65 -13.81
C ARG A 94 1.40 1.91 -14.79
N LEU A 95 0.81 1.20 -15.74
CA LEU A 95 1.57 0.59 -16.82
C LEU A 95 2.05 1.67 -17.77
N LEU A 96 3.37 1.79 -17.91
CA LEU A 96 3.95 2.71 -18.88
C LEU A 96 3.96 2.02 -20.23
N GLY A 97 3.89 0.70 -20.19
CA GLY A 97 3.89 -0.09 -21.41
C GLY A 97 3.83 -1.57 -21.14
N VAL A 98 3.57 -2.34 -22.18
CA VAL A 98 3.52 -3.79 -22.09
C VAL A 98 4.22 -4.44 -23.27
N CYS A 99 4.61 -5.70 -23.09
CA CYS A 99 5.07 -6.56 -24.17
C CYS A 99 4.34 -7.89 -24.05
N VAL A 100 3.27 -8.08 -24.83
CA VAL A 100 2.46 -9.27 -24.67
C VAL A 100 2.22 -10.02 -25.99
N GLN A 101 2.41 -9.33 -27.11
CA GLN A 101 2.13 -9.93 -28.43
C GLN A 101 3.03 -11.14 -28.69
N ASP A 102 4.22 -11.13 -28.11
CA ASP A 102 5.13 -12.26 -28.19
C ASP A 102 5.98 -12.35 -26.91
N ASP A 103 6.79 -13.41 -26.81
CA ASP A 103 7.61 -13.65 -25.62
C ASP A 103 8.96 -12.95 -25.72
N PRO A 104 9.52 -12.56 -24.56
CA PRO A 104 8.94 -12.72 -23.21
C PRO A 104 7.93 -11.64 -22.81
N LEU A 105 6.93 -12.02 -22.02
CA LEU A 105 5.93 -11.08 -21.52
C LEU A 105 6.54 -10.08 -20.54
N CYS A 106 6.19 -8.80 -20.68
CA CYS A 106 6.70 -7.74 -19.81
C CYS A 106 5.58 -6.77 -19.48
N MET A 107 5.60 -6.25 -18.25
CA MET A 107 4.86 -5.07 -17.87
C MET A 107 5.84 -4.02 -17.41
N ILE A 108 5.61 -2.76 -17.79
CA ILE A 108 6.57 -1.69 -17.47
C ILE A 108 5.92 -0.58 -16.68
N THR A 109 6.55 -0.21 -15.57
CA THR A 109 6.08 0.91 -14.73
C THR A 109 7.23 1.83 -14.32
N ASP A 110 6.90 2.96 -13.70
CA ASP A 110 7.88 3.90 -13.18
C ASP A 110 8.74 3.27 -12.11
N TYR A 111 10.02 3.60 -12.15
CA TYR A 111 10.90 3.25 -11.05
C TYR A 111 10.70 4.22 -9.90
N MET A 112 10.41 3.68 -8.73
CA MET A 112 10.22 4.46 -7.50
C MET A 112 11.46 4.27 -6.66
N GLU A 113 12.33 5.29 -6.65
CA GLU A 113 13.70 5.10 -6.18
C GLU A 113 13.84 4.92 -4.66
N ASN A 114 12.81 5.28 -3.88
CA ASN A 114 12.95 5.12 -2.44
C ASN A 114 12.27 3.87 -1.89
N GLY A 115 11.83 2.98 -2.78
CA GLY A 115 11.36 1.67 -2.38
C GLY A 115 10.07 1.69 -1.59
N ASP A 116 9.84 0.69 -0.74
CA ASP A 116 8.54 0.61 -0.09
C ASP A 116 8.47 1.58 1.08
N LEU A 117 7.25 2.05 1.34
CA LEU A 117 7.03 3.12 2.32
C LEU A 117 7.33 2.67 3.76
N ASN A 118 7.16 1.39 4.05
CA ASN A 118 7.44 0.90 5.41
C ASN A 118 8.92 1.05 5.77
N GLN A 119 9.79 0.56 4.89
CA GLN A 119 11.23 0.64 5.11
C GLN A 119 11.69 2.08 5.04
N PHE A 120 11.01 2.88 4.23
CA PHE A 120 11.32 4.30 4.08
C PHE A 120 11.06 5.10 5.36
N LEU A 121 9.84 5.01 5.89
CA LEU A 121 9.48 5.77 7.08
C LEU A 121 10.23 5.28 8.32
N SER A 122 10.55 3.99 8.35
CA SER A 122 11.22 3.42 9.52
C SER A 122 12.64 4.00 9.66
N ALA A 123 13.16 4.52 8.54
CA ALA A 123 14.50 5.08 8.49
C ALA A 123 14.50 6.59 8.75
N HIS A 124 13.34 7.12 9.15
CA HIS A 124 13.22 8.53 9.48
C HIS A 124 12.81 8.73 10.93
N GLN A 125 13.11 9.90 11.45
CA GLN A 125 12.67 10.30 12.78
C GLN A 125 11.86 11.60 12.66
N LEU A 126 10.85 11.75 13.51
CA LEU A 126 10.04 12.96 13.53
C LEU A 126 10.86 14.20 13.93
N GLU A 127 10.63 15.31 13.25
CA GLU A 127 11.32 16.57 13.53
C GLU A 127 10.89 17.19 14.86
N ASP A 128 11.82 17.91 15.49
CA ASP A 128 11.54 18.66 16.71
C ASP A 128 10.79 19.95 16.35
N LYS A 129 11.52 20.91 15.78
CA LYS A 129 10.89 22.12 15.25
C LYS A 129 10.77 22.01 13.73
N ALA A 130 9.76 22.68 13.17
CA ALA A 130 9.51 22.60 11.73
C ALA A 130 10.64 23.24 10.94
N ALA A 131 11.15 22.48 9.96
CA ALA A 131 12.17 22.95 9.02
C ALA A 131 13.42 23.43 9.74
N GLU A 132 14.04 22.54 10.49
CA GLU A 132 15.21 22.88 11.28
C GLU A 132 16.46 22.19 10.74
N GLY A 133 16.26 21.10 9.99
CA GLY A 133 17.35 20.27 9.53
C GLY A 133 17.90 20.66 8.17
N ALA A 134 19.00 20.01 7.80
CA ALA A 134 19.61 20.20 6.49
C ALA A 134 19.02 19.18 5.52
N PRO A 135 19.02 19.50 4.21
CA PRO A 135 18.59 18.54 3.19
C PRO A 135 19.33 17.20 3.29
N GLY A 136 18.60 16.09 3.14
CA GLY A 136 19.21 14.79 3.22
C GLY A 136 19.10 14.10 4.57
N ASP A 137 19.06 14.89 5.64
CA ASP A 137 18.92 14.35 7.01
C ASP A 137 17.73 13.41 7.11
N PRO A 138 17.83 12.38 7.97
CA PRO A 138 16.75 11.39 8.03
C PRO A 138 15.61 11.83 8.95
N THR A 139 15.11 13.04 8.77
CA THR A 139 14.01 13.53 9.60
C THR A 139 12.82 13.94 8.74
N ILE A 140 11.63 13.89 9.33
CA ILE A 140 10.40 14.13 8.58
C ILE A 140 9.43 14.93 9.45
N SER A 141 8.68 15.83 8.84
CA SER A 141 7.74 16.67 9.58
C SER A 141 6.36 16.03 9.66
N TYR A 142 5.57 16.45 10.65
CA TYR A 142 4.16 16.03 10.74
C TYR A 142 3.36 16.42 9.49
N PRO A 143 3.53 17.67 8.98
CA PRO A 143 2.86 17.98 7.71
C PRO A 143 3.23 17.06 6.54
N MET A 144 4.45 16.51 6.53
CA MET A 144 4.83 15.56 5.49
C MET A 144 4.19 14.18 5.71
N LEU A 145 4.03 13.78 6.96
CA LEU A 145 3.24 12.58 7.27
C LEU A 145 1.81 12.73 6.80
N LEU A 146 1.22 13.90 7.01
CA LEU A 146 -0.13 14.19 6.49
C LEU A 146 -0.17 14.10 4.98
N HIS A 147 0.89 14.58 4.33
CA HIS A 147 0.96 14.62 2.87
C HIS A 147 1.08 13.20 2.29
N VAL A 148 1.85 12.35 2.95
CA VAL A 148 1.98 10.94 2.58
C VAL A 148 0.63 10.23 2.72
N ALA A 149 -0.04 10.42 3.86
CA ALA A 149 -1.36 9.82 4.09
C ALA A 149 -2.41 10.32 3.08
N ALA A 150 -2.35 11.61 2.77
CA ALA A 150 -3.32 12.21 1.86
C ALA A 150 -3.19 11.64 0.44
N GLN A 151 -1.96 11.41 -0.02
CA GLN A 151 -1.76 10.77 -1.31
C GLN A 151 -2.30 9.33 -1.34
N ILE A 152 -2.13 8.59 -0.24
CA ILE A 152 -2.68 7.24 -0.14
C ILE A 152 -4.21 7.33 -0.22
N ALA A 153 -4.81 8.28 0.49
CA ALA A 153 -6.26 8.45 0.46
C ALA A 153 -6.76 8.84 -0.93
N SER A 154 -6.01 9.65 -1.65
CA SER A 154 -6.38 10.03 -3.01
C SER A 154 -6.33 8.82 -3.94
N GLY A 155 -5.31 7.97 -3.77
CA GLY A 155 -5.21 6.74 -4.53
C GLY A 155 -6.41 5.83 -4.26
N MET A 156 -6.75 5.68 -2.99
CA MET A 156 -7.88 4.82 -2.62
C MET A 156 -9.22 5.41 -3.05
N ARG A 157 -9.33 6.74 -3.01
CA ARG A 157 -10.52 7.41 -3.48
C ARG A 157 -10.75 7.08 -4.96
N TYR A 158 -9.67 7.08 -5.72
CA TYR A 158 -9.71 6.70 -7.11
C TYR A 158 -10.18 5.25 -7.32
N LEU A 159 -9.58 4.32 -6.59
CA LEU A 159 -9.98 2.92 -6.71
C LEU A 159 -11.44 2.70 -6.32
N ALA A 160 -11.92 3.46 -5.34
CA ALA A 160 -13.31 3.33 -4.92
C ALA A 160 -14.25 3.72 -6.06
N THR A 161 -13.85 4.68 -6.89
CA THR A 161 -14.70 5.09 -8.01
C THR A 161 -14.75 4.03 -9.11
N LEU A 162 -13.77 3.12 -9.15
CA LEU A 162 -13.85 2.01 -10.11
C LEU A 162 -14.44 0.76 -9.45
N ASN A 163 -14.93 0.94 -8.24
CA ASN A 163 -15.40 -0.17 -7.39
C ASN A 163 -14.36 -1.28 -7.31
N PHE A 164 -13.10 -0.87 -7.26
CA PHE A 164 -11.98 -1.79 -7.12
C PHE A 164 -11.65 -1.93 -5.63
N VAL A 165 -11.71 -3.15 -5.12
CA VAL A 165 -11.40 -3.39 -3.70
C VAL A 165 -10.01 -3.97 -3.62
N HIS A 166 -9.12 -3.29 -2.87
CA HIS A 166 -7.70 -3.61 -2.84
C HIS A 166 -7.39 -4.88 -2.04
N ARG A 167 -7.93 -4.94 -0.82
CA ARG A 167 -7.84 -6.09 0.08
C ARG A 167 -6.53 -6.20 0.89
N ASP A 168 -5.49 -5.47 0.52
CA ASP A 168 -4.25 -5.58 1.28
C ASP A 168 -3.53 -4.23 1.40
N LEU A 169 -4.28 -3.19 1.70
CA LEU A 169 -3.66 -1.88 1.90
C LEU A 169 -2.86 -1.87 3.20
N ALA A 170 -1.64 -1.33 3.10
CA ALA A 170 -0.70 -1.22 4.23
C ALA A 170 0.54 -0.50 3.74
N THR A 171 1.36 0.03 4.65
CA THR A 171 2.52 0.79 4.18
C THR A 171 3.51 -0.07 3.38
N ARG A 172 3.53 -1.38 3.64
CA ARG A 172 4.45 -2.24 2.88
C ARG A 172 4.08 -2.31 1.41
N ASN A 173 2.82 -2.00 1.09
CA ASN A 173 2.35 -2.06 -0.30
C ASN A 173 2.33 -0.70 -1.00
N CYS A 174 2.96 0.30 -0.39
CA CYS A 174 3.11 1.61 -1.01
C CYS A 174 4.57 1.83 -1.43
N LEU A 175 4.76 2.47 -2.59
CA LEU A 175 6.08 2.80 -3.12
C LEU A 175 6.32 4.29 -3.01
N VAL A 176 7.59 4.66 -2.85
CA VAL A 176 8.00 6.05 -2.64
C VAL A 176 8.96 6.48 -3.75
N GLY A 177 8.60 7.54 -4.46
CA GLY A 177 9.44 8.04 -5.54
C GLY A 177 10.21 9.27 -5.13
N GLU A 178 10.57 10.09 -6.12
CA GLU A 178 11.21 11.38 -5.84
C GLU A 178 10.19 12.30 -5.18
N ASN A 179 10.69 13.19 -4.32
CA ASN A 179 9.86 14.22 -3.73
C ASN A 179 8.67 13.67 -2.95
N PHE A 180 8.87 12.52 -2.31
CA PHE A 180 7.89 11.92 -1.41
C PHE A 180 6.56 11.57 -2.09
N THR A 181 6.60 11.36 -3.40
CA THR A 181 5.40 10.93 -4.09
C THR A 181 5.10 9.47 -3.77
N ILE A 182 3.82 9.16 -3.53
CA ILE A 182 3.43 7.84 -3.08
C ILE A 182 2.60 7.14 -4.15
N LYS A 183 2.89 5.86 -4.41
CA LYS A 183 2.00 5.07 -5.26
C LYS A 183 1.60 3.76 -4.58
N ILE A 184 0.30 3.46 -4.62
CA ILE A 184 -0.21 2.20 -4.08
C ILE A 184 0.08 1.06 -5.05
N ALA A 185 0.61 -0.04 -4.54
CA ALA A 185 0.86 -1.25 -5.31
C ALA A 185 0.28 -2.45 -4.57
N ASP A 186 0.66 -3.65 -4.96
CA ASP A 186 0.18 -4.85 -4.28
C ASP A 186 1.13 -6.01 -4.54
N PHE A 187 2.17 -6.09 -3.70
CA PHE A 187 3.26 -7.04 -3.92
C PHE A 187 2.79 -8.50 -3.79
N GLY A 188 1.65 -8.69 -3.15
CA GLY A 188 1.24 -10.03 -2.76
C GLY A 188 1.76 -10.33 -1.37
N MET A 189 1.60 -11.57 -0.95
CA MET A 189 1.99 -11.97 0.39
C MET A 189 3.27 -12.78 0.37
N SER A 190 4.19 -12.40 -0.52
CA SER A 190 5.32 -13.24 -0.88
C SER A 190 6.66 -12.87 -0.23
N ARG A 191 6.82 -11.60 0.12
CA ARG A 191 8.08 -11.09 0.67
C ARG A 191 8.36 -11.59 2.09
N ASN A 192 9.41 -12.39 2.23
CA ASN A 192 9.86 -12.89 3.55
C ASN A 192 9.93 -11.77 4.58
N LEU A 193 10.35 -10.60 4.14
CA LEU A 193 10.47 -9.44 5.00
C LEU A 193 9.20 -9.12 5.77
N TYR A 194 8.04 -9.41 5.18
CA TYR A 194 6.77 -9.04 5.81
C TYR A 194 5.90 -10.25 6.20
N ALA A 195 6.53 -11.42 6.29
CA ALA A 195 5.82 -12.66 6.62
C ALA A 195 5.02 -12.56 7.92
N GLY A 196 5.55 -11.81 8.88
CA GLY A 196 4.88 -11.64 10.16
C GLY A 196 3.59 -10.85 10.09
N ASP A 197 3.34 -10.19 8.95
CA ASP A 197 2.13 -9.40 8.77
C ASP A 197 0.99 -10.24 8.24
N TYR A 198 1.25 -11.53 8.00
CA TYR A 198 0.20 -12.39 7.45
C TYR A 198 -0.06 -13.63 8.31
N TYR A 199 -1.32 -13.83 8.65
CA TYR A 199 -1.78 -15.07 9.27
C TYR A 199 -1.59 -16.21 8.29
N ARG A 200 -1.12 -17.35 8.78
CA ARG A 200 -0.80 -18.47 7.91
C ARG A 200 -1.78 -19.63 8.05
N VAL A 201 -2.18 -20.17 6.91
CA VAL A 201 -3.00 -21.36 6.87
C VAL A 201 -2.30 -22.37 5.97
N GLN A 202 -1.94 -23.52 6.54
CA GLN A 202 -1.25 -24.59 5.81
C GLN A 202 0.11 -24.16 5.29
N GLY A 203 0.87 -23.45 6.12
CA GLY A 203 2.24 -23.10 5.79
C GLY A 203 2.44 -21.90 4.88
N ARG A 204 1.34 -21.38 4.35
CA ARG A 204 1.40 -20.22 3.45
C ARG A 204 0.67 -19.03 4.04
N ALA A 205 1.12 -17.83 3.70
CA ALA A 205 0.43 -16.61 4.09
C ALA A 205 -0.94 -16.56 3.42
N VAL A 206 -1.96 -16.11 4.15
CA VAL A 206 -3.28 -16.00 3.56
C VAL A 206 -3.97 -14.66 3.92
N LEU A 207 -3.84 -14.19 5.16
CA LEU A 207 -4.63 -13.03 5.56
C LEU A 207 -3.87 -12.01 6.42
N PRO A 208 -3.88 -10.74 6.00
CA PRO A 208 -3.26 -9.68 6.81
C PRO A 208 -4.18 -9.23 7.94
N ILE A 209 -4.36 -10.08 8.94
CA ILE A 209 -5.42 -9.89 9.92
C ILE A 209 -5.33 -8.58 10.73
N ARG A 210 -4.13 -8.05 10.92
CA ARG A 210 -3.98 -6.84 11.74
C ARG A 210 -4.47 -5.57 11.02
N TRP A 211 -4.70 -5.68 9.70
CA TRP A 211 -5.22 -4.61 8.85
C TRP A 211 -6.69 -4.86 8.48
N MET A 212 -7.22 -6.01 8.86
CA MET A 212 -8.56 -6.43 8.39
C MET A 212 -9.71 -6.08 9.33
N ALA A 213 -10.76 -5.50 8.75
CA ALA A 213 -12.01 -5.21 9.44
C ALA A 213 -12.62 -6.49 10.02
N TRP A 214 -13.37 -6.34 11.09
CA TRP A 214 -13.89 -7.51 11.77
C TRP A 214 -14.77 -8.34 10.81
N GLU A 215 -15.51 -7.69 9.92
CA GLU A 215 -16.38 -8.45 8.99
C GLU A 215 -15.59 -9.20 7.91
N CYS A 216 -14.37 -8.76 7.63
CA CYS A 216 -13.46 -9.51 6.73
C CYS A 216 -13.02 -10.80 7.37
N ILE A 217 -12.64 -10.71 8.63
CA ILE A 217 -12.19 -11.87 9.38
C ILE A 217 -13.32 -12.86 9.64
N LEU A 218 -14.49 -12.36 10.04
CA LEU A 218 -15.57 -13.22 10.51
C LEU A 218 -16.55 -13.63 9.41
N MET A 219 -16.71 -12.78 8.41
CA MET A 219 -17.71 -13.05 7.37
C MET A 219 -17.11 -13.17 5.98
N GLY A 220 -15.82 -12.89 5.84
CA GLY A 220 -15.18 -13.00 4.54
C GLY A 220 -15.63 -11.94 3.54
N LYS A 221 -16.13 -10.84 4.07
CA LYS A 221 -16.67 -9.76 3.27
C LYS A 221 -15.68 -8.59 3.06
N PHE A 222 -15.14 -8.48 1.86
CA PHE A 222 -14.22 -7.40 1.48
C PHE A 222 -14.95 -6.35 0.62
N THR A 223 -14.92 -5.11 1.08
CA THR A 223 -15.65 -3.99 0.46
C THR A 223 -14.78 -2.75 0.50
N THR A 224 -15.24 -1.69 -0.13
CA THR A 224 -14.58 -0.39 0.01
C THR A 224 -14.53 0.04 1.49
N ALA A 225 -15.57 -0.27 2.25
CA ALA A 225 -15.58 0.07 3.69
C ALA A 225 -14.55 -0.72 4.49
N SER A 226 -14.20 -1.92 4.04
CA SER A 226 -13.11 -2.63 4.70
C SER A 226 -11.76 -2.07 4.26
N ASP A 227 -11.69 -1.53 3.04
CA ASP A 227 -10.48 -0.81 2.61
C ASP A 227 -10.32 0.46 3.47
N VAL A 228 -11.44 1.07 3.84
CA VAL A 228 -11.38 2.23 4.75
C VAL A 228 -10.81 1.81 6.10
N TRP A 229 -11.25 0.68 6.63
CA TRP A 229 -10.67 0.16 7.86
C TRP A 229 -9.16 -0.03 7.73
N ALA A 230 -8.73 -0.69 6.65
CA ALA A 230 -7.30 -0.89 6.39
C ALA A 230 -6.55 0.45 6.25
N PHE A 231 -7.20 1.45 5.64
CA PHE A 231 -6.56 2.76 5.54
C PHE A 231 -6.32 3.35 6.93
N GLY A 232 -7.30 3.23 7.82
CA GLY A 232 -7.13 3.65 9.20
C GLY A 232 -5.90 3.05 9.85
N VAL A 233 -5.71 1.75 9.66
CA VAL A 233 -4.50 1.10 10.17
C VAL A 233 -3.23 1.63 9.48
N THR A 234 -3.30 1.89 8.17
CA THR A 234 -2.17 2.40 7.39
C THR A 234 -1.80 3.81 7.84
N LEU A 235 -2.83 4.61 8.10
CA LEU A 235 -2.63 5.94 8.68
C LEU A 235 -1.97 5.85 10.06
N TRP A 236 -2.44 4.92 10.88
CA TRP A 236 -1.78 4.65 12.18
C TRP A 236 -0.29 4.32 12.00
N GLU A 237 -0.01 3.41 11.07
CA GLU A 237 1.36 3.05 10.69
C GLU A 237 2.23 4.25 10.35
N VAL A 238 1.68 5.13 9.54
CA VAL A 238 2.42 6.29 9.03
C VAL A 238 2.75 7.21 10.20
N LEU A 239 1.78 7.46 11.07
CA LEU A 239 1.98 8.34 12.22
C LEU A 239 2.88 7.74 13.32
N MET A 240 3.03 6.42 13.28
CA MET A 240 3.98 5.71 14.12
C MET A 240 5.36 5.64 13.46
N LEU A 241 5.46 6.26 12.29
CA LEU A 241 6.64 6.18 11.42
C LEU A 241 7.08 4.74 11.22
N CYS A 242 6.09 3.84 11.13
CA CYS A 242 6.34 2.41 10.90
C CYS A 242 7.33 1.77 11.88
N ARG A 243 7.25 2.19 13.14
CA ARG A 243 8.16 1.66 14.16
C ARG A 243 7.62 0.37 14.75
N ALA A 244 6.32 0.16 14.65
CA ALA A 244 5.71 -1.01 15.30
C ALA A 244 4.62 -1.61 14.43
N GLN A 245 4.41 -2.91 14.60
CA GLN A 245 3.34 -3.60 13.89
C GLN A 245 2.01 -3.32 14.61
N PRO A 246 0.90 -3.18 13.85
CA PRO A 246 -0.39 -2.97 14.51
C PRO A 246 -0.69 -4.13 15.48
N PHE A 247 -1.11 -3.80 16.70
CA PHE A 247 -1.38 -4.79 17.73
C PHE A 247 -0.14 -5.66 17.98
N GLY A 248 1.04 -5.04 17.87
CA GLY A 248 2.29 -5.78 17.81
C GLY A 248 2.66 -6.68 18.97
N GLN A 249 2.15 -6.38 20.16
CA GLN A 249 2.41 -7.25 21.31
C GLN A 249 1.24 -8.21 21.60
N LEU A 250 0.30 -8.30 20.66
CA LEU A 250 -0.75 -9.33 20.72
C LEU A 250 -0.48 -10.41 19.68
N THR A 251 -0.89 -11.65 19.98
CA THR A 251 -0.70 -12.77 19.07
C THR A 251 -1.78 -12.74 17.97
N ASP A 252 -1.58 -13.49 16.90
CA ASP A 252 -2.59 -13.57 15.83
C ASP A 252 -3.95 -14.02 16.39
N GLU A 253 -3.92 -15.02 17.27
CA GLU A 253 -5.15 -15.56 17.86
C GLU A 253 -5.90 -14.45 18.61
N GLN A 254 -5.16 -13.61 19.32
CA GLN A 254 -5.77 -12.51 20.05
C GLN A 254 -6.37 -11.46 19.09
N VAL A 255 -5.68 -11.20 17.99
CA VAL A 255 -6.21 -10.28 16.98
C VAL A 255 -7.54 -10.85 16.39
N ILE A 256 -7.57 -12.15 16.15
CA ILE A 256 -8.78 -12.78 15.60
C ILE A 256 -9.90 -12.75 16.64
N GLU A 257 -9.53 -12.99 17.90
CA GLU A 257 -10.49 -12.91 18.99
C GLU A 257 -11.10 -11.51 19.12
N ASN A 258 -10.27 -10.49 18.90
CA ASN A 258 -10.72 -9.09 18.97
C ASN A 258 -11.80 -8.80 17.93
N ALA A 259 -11.68 -9.43 16.76
CA ALA A 259 -12.70 -9.30 15.72
C ALA A 259 -14.04 -9.78 16.26
N GLY A 260 -14.00 -10.84 17.05
CA GLY A 260 -15.19 -11.38 17.70
C GLY A 260 -15.83 -10.41 18.67
N GLU A 261 -15.00 -9.64 19.36
CA GLU A 261 -15.52 -8.66 20.29
C GLU A 261 -16.16 -7.46 19.59
N PHE A 262 -15.66 -7.13 18.39
CA PHE A 262 -16.35 -6.17 17.54
C PHE A 262 -17.73 -6.70 17.18
N PHE A 263 -17.80 -7.97 16.79
CA PHE A 263 -19.09 -8.54 16.43
C PHE A 263 -20.06 -8.56 17.62
N ARG A 264 -19.59 -8.96 18.79
CA ARG A 264 -20.47 -9.08 19.96
C ARG A 264 -20.90 -7.71 20.48
N ASP A 265 -20.06 -6.71 20.25
CA ASP A 265 -20.34 -5.32 20.59
C ASP A 265 -20.80 -5.09 22.03
N GLN A 266 -19.96 -5.48 22.98
CA GLN A 266 -20.28 -5.29 24.38
C GLN A 266 -19.16 -4.50 25.04
N GLY A 267 -18.46 -3.72 24.21
CA GLY A 267 -17.42 -2.82 24.69
C GLY A 267 -16.16 -3.48 25.18
N ARG A 268 -15.90 -4.71 24.74
CA ARG A 268 -14.65 -5.36 25.08
C ARG A 268 -13.64 -5.34 23.93
N GLN A 269 -14.03 -4.78 22.78
CA GLN A 269 -13.08 -4.67 21.66
C GLN A 269 -11.95 -3.70 22.02
N VAL A 270 -10.75 -3.92 21.48
CA VAL A 270 -9.68 -2.93 21.65
C VAL A 270 -9.22 -2.37 20.33
N TYR A 271 -8.75 -1.13 20.39
CA TYR A 271 -8.29 -0.38 19.23
C TYR A 271 -6.80 -0.09 19.31
N LEU A 272 -6.21 0.15 18.15
CA LEU A 272 -4.86 0.70 18.10
C LEU A 272 -4.83 2.01 18.89
N SER A 273 -3.73 2.25 19.59
CA SER A 273 -3.63 3.42 20.46
C SER A 273 -3.31 4.68 19.66
N ARG A 274 -3.54 5.84 20.27
CA ARG A 274 -3.20 7.08 19.59
C ARG A 274 -1.68 7.23 19.50
N PRO A 275 -1.14 7.34 18.27
CA PRO A 275 0.30 7.59 18.10
C PRO A 275 0.70 8.91 18.74
N PRO A 276 1.89 8.96 19.36
CA PRO A 276 2.42 10.21 19.93
C PRO A 276 2.33 11.39 18.98
N ALA A 277 2.63 11.16 17.71
CA ALA A 277 2.66 12.23 16.70
C ALA A 277 1.28 12.65 16.20
N CYS A 278 0.24 12.01 16.72
CA CYS A 278 -1.12 12.20 16.21
C CYS A 278 -1.97 13.02 17.17
N PRO A 279 -2.44 14.20 16.73
CA PRO A 279 -3.38 14.98 17.56
C PRO A 279 -4.73 14.28 17.69
N GLN A 280 -5.49 14.67 18.70
CA GLN A 280 -6.71 13.95 19.05
C GLN A 280 -7.76 14.01 17.94
N GLY A 281 -7.80 15.12 17.21
CA GLY A 281 -8.79 15.29 16.15
C GLY A 281 -8.61 14.27 15.02
N LEU A 282 -7.35 14.05 14.66
CA LEU A 282 -7.03 13.09 13.62
C LEU A 282 -7.24 11.66 14.13
N TYR A 283 -6.95 11.44 15.40
CA TYR A 283 -7.15 10.11 15.97
C TYR A 283 -8.63 9.75 16.02
N GLU A 284 -9.48 10.73 16.21
CA GLU A 284 -10.91 10.44 16.28
C GLU A 284 -11.47 10.05 14.92
N LEU A 285 -10.91 10.63 13.86
CA LEU A 285 -11.26 10.22 12.50
C LEU A 285 -10.73 8.80 12.22
N MET A 286 -9.56 8.49 12.75
CA MET A 286 -9.01 7.13 12.64
C MET A 286 -9.98 6.15 13.29
N LEU A 287 -10.48 6.51 14.47
CA LEU A 287 -11.41 5.65 15.21
C LEU A 287 -12.67 5.40 14.41
N ARG A 288 -13.11 6.41 13.66
CA ARG A 288 -14.28 6.26 12.78
C ARG A 288 -14.03 5.25 11.65
N CYS A 289 -12.77 5.08 11.24
CA CYS A 289 -12.45 4.08 10.22
C CYS A 289 -12.67 2.68 10.78
N TRP A 290 -12.71 2.58 12.10
CA TRP A 290 -12.85 1.29 12.74
C TRP A 290 -14.24 1.14 13.37
N SER A 291 -15.21 1.90 12.87
CA SER A 291 -16.60 1.75 13.29
C SER A 291 -17.08 0.32 13.08
N ARG A 292 -17.90 -0.20 13.99
CA ARG A 292 -18.43 -1.54 13.81
C ARG A 292 -19.22 -1.64 12.51
N GLU A 293 -20.08 -0.64 12.30
CA GLU A 293 -20.95 -0.60 11.13
C GLU A 293 -20.23 0.02 9.94
N SER A 294 -20.16 -0.74 8.86
CA SER A 294 -19.50 -0.30 7.63
C SER A 294 -19.95 1.08 7.18
N GLU A 295 -21.25 1.34 7.31
CA GLU A 295 -21.83 2.55 6.75
C GLU A 295 -21.43 3.80 7.52
N GLN A 296 -20.94 3.62 8.74
CA GLN A 296 -20.53 4.75 9.55
C GLN A 296 -19.06 5.13 9.34
N ARG A 297 -18.32 4.30 8.60
CA ARG A 297 -16.91 4.61 8.32
C ARG A 297 -16.82 5.76 7.31
N PRO A 298 -15.79 6.63 7.42
CA PRO A 298 -15.74 7.77 6.50
C PRO A 298 -15.41 7.34 5.06
N PRO A 299 -15.94 8.04 4.05
CA PRO A 299 -15.54 7.79 2.68
C PRO A 299 -14.14 8.33 2.43
N PHE A 300 -13.47 7.86 1.39
CA PHE A 300 -12.09 8.28 1.14
C PHE A 300 -12.02 9.76 0.73
N SER A 301 -13.10 10.26 0.14
CA SER A 301 -13.24 11.69 -0.15
C SER A 301 -13.07 12.54 1.11
N GLN A 302 -13.72 12.12 2.19
CA GLN A 302 -13.68 12.84 3.46
C GLN A 302 -12.33 12.68 4.15
N LEU A 303 -11.79 11.47 4.09
CA LEU A 303 -10.46 11.22 4.65
C LEU A 303 -9.40 12.09 3.95
N HIS A 304 -9.49 12.21 2.63
CA HIS A 304 -8.53 13.03 1.91
C HIS A 304 -8.64 14.51 2.25
N ARG A 305 -9.87 15.02 2.27
CA ARG A 305 -10.08 16.42 2.64
C ARG A 305 -9.51 16.74 4.00
N PHE A 306 -9.74 15.85 4.97
CA PHE A 306 -9.21 16.10 6.31
C PHE A 306 -7.68 16.11 6.29
N LEU A 307 -7.07 15.08 5.70
CA LEU A 307 -5.61 14.99 5.71
C LEU A 307 -4.95 16.12 4.91
N ALA A 308 -5.64 16.58 3.87
CA ALA A 308 -5.05 17.58 2.99
C ALA A 308 -5.29 19.02 3.45
N GLU A 309 -6.36 19.26 4.20
CA GLU A 309 -6.69 20.63 4.55
C GLU A 309 -7.05 20.84 6.02
N ASP A 310 -8.08 20.16 6.52
CA ASP A 310 -8.55 20.39 7.89
C ASP A 310 -7.42 20.14 8.89
N ALA A 311 -6.55 19.17 8.59
CA ALA A 311 -5.50 18.77 9.53
C ALA A 311 -4.42 19.85 9.66
N LEU A 312 -4.46 20.85 8.78
CA LEU A 312 -3.51 21.97 8.83
C LEU A 312 -4.04 23.09 9.71
N ASN A 313 -5.31 22.98 10.10
CA ASN A 313 -5.94 23.97 10.98
C ASN A 313 -5.30 23.97 12.35
N THR A 314 -5.24 25.15 12.96
CA THR A 314 -4.69 25.30 14.31
C THR A 314 -5.82 25.20 15.32
N VAL A 315 -5.63 24.32 16.30
CA VAL A 315 -6.70 23.99 17.25
C VAL A 315 -6.72 24.95 18.43
C4 DJW B . 2.52 -4.67 -12.64
C5 DJW B . 1.75 -4.93 -11.51
C6 DJW B . 2.37 -4.82 -10.28
C8 DJW B . 0.49 -5.24 -8.55
C17 DJW B . -3.81 -5.30 -8.80
C20 DJW B . 2.88 -4.66 -8.03
C22 DJW B . 4.21 -4.48 -8.79
C26 DJW B . 5.59 -3.26 -7.08
C28 DJW B . 7.85 -4.50 -7.02
C1 DJW B . 5.88 -3.65 -13.49
O2 DJW B . 4.53 -4.06 -13.61
C3 DJW B . 3.86 -4.31 -12.47
N7 DJW B . 1.87 -5.01 -8.96
C9 DJW B . -0.35 -3.96 -8.58
N10 DJW B . -1.71 -4.18 -8.55
C11 DJW B . -2.71 -3.11 -8.61
C12 DJW B . -3.01 -2.43 -7.22
F13 DJW B . -1.91 -1.91 -6.61
F14 DJW B . -3.88 -1.40 -7.35
F15 DJW B . -3.58 -3.26 -6.32
C16 DJW B . -3.96 -3.83 -9.19
C18 DJW B . -2.34 -5.51 -8.45
O19 DJW B . 0.12 -2.82 -8.61
O21 DJW B . 2.63 -4.58 -6.84
C23 DJW B . 3.73 -4.47 -10.22
N24 DJW B . 4.51 -4.20 -11.29
C25 DJW B . 4.90 -3.16 -8.45
N27 DJW B . 6.46 -4.48 -7.08
O29 DJW B . 8.42 -5.59 -6.90
C30 DJW B . 8.64 -3.24 -7.02
C31 DJW B . 9.60 -3.09 -5.99
C32 DJW B . 10.40 -1.97 -5.93
C33 DJW B . 10.21 -0.99 -6.91
N34 DJW B . 10.80 0.25 -7.12
N35 DJW B . 10.26 0.87 -8.22
C36 DJW B . 9.33 0.06 -8.75
C37 DJW B . 9.24 -1.14 -7.96
C38 DJW B . 8.46 -2.28 -8.02
C39 DJW B . 5.72 -5.72 -7.21
C40 DJW B . 5.12 -5.69 -8.61
CL CL C . -0.25 -3.93 21.14
#